data_1RNI
#
_entry.id   1RNI
#
_cell.length_a   46.120
_cell.length_b   123.630
_cell.length_c   41.860
_cell.angle_alpha   90.00
_cell.angle_beta   90.00
_cell.angle_gamma   90.00
#
_symmetry.space_group_name_H-M   'P 21 21 2'
#
loop_
_entity.id
_entity.type
_entity.pdbx_description
1 polymer ORF904
2 non-polymer 'ZINC ION'
3 water water
#
_entity_poly.entity_id   1
_entity_poly.type   'polypeptide(L)'
_entity_poly.pdbx_seq_one_letter_code
;SSERIRYAKWFLEHGFNIIPIDPESKKPVLKEWQKYSHEMPSDEEKQRFLKMIEEGYNYAIPGGQKGLVILDFESKEKLK
AWIGESALEELCRKTLCTNTVHGGIHIYVLSNDIPPHKINPLFEENGKGIIDLQSYNSYVLGLGSCVNHLHCTTDKCPWK
EQNYTTCYTLYNELKEISKVDLKSLLRFLAEKGKRLGITLSKTAKEWLEGHHHHHH
;
_entity_poly.pdbx_strand_id   A
#
# COMPACT_ATOMS: atom_id res chain seq x y z
N SER A 1 -11.75 13.26 16.83
CA SER A 1 -11.96 12.05 15.97
C SER A 1 -10.74 11.12 16.04
N SER A 2 -10.90 9.90 15.52
CA SER A 2 -9.80 8.95 15.52
C SER A 2 -8.83 9.33 14.41
N GLU A 3 -7.75 8.58 14.29
CA GLU A 3 -6.78 8.86 13.27
C GLU A 3 -7.27 8.25 11.97
N ARG A 4 -8.03 7.16 12.08
CA ARG A 4 -8.57 6.51 10.90
C ARG A 4 -9.46 7.47 10.10
N ILE A 5 -10.33 8.22 10.78
CA ILE A 5 -11.21 9.13 10.06
C ILE A 5 -10.46 10.36 9.55
N ARG A 6 -9.54 10.87 10.36
CA ARG A 6 -8.73 12.02 9.99
C ARG A 6 -8.00 11.74 8.67
N TYR A 7 -7.30 10.62 8.60
CA TYR A 7 -6.56 10.28 7.39
C TYR A 7 -7.48 9.94 6.22
N ALA A 8 -8.55 9.20 6.49
CA ALA A 8 -9.48 8.86 5.41
C ALA A 8 -9.92 10.17 4.77
N LYS A 9 -10.28 11.14 5.60
CA LYS A 9 -10.71 12.44 5.12
C LYS A 9 -9.59 13.16 4.36
N TRP A 10 -8.35 12.94 4.79
CA TRP A 10 -7.18 13.55 4.15
C TRP A 10 -7.05 13.07 2.71
N PHE A 11 -7.28 11.78 2.48
CA PHE A 11 -7.19 11.23 1.14
C PHE A 11 -8.34 11.79 0.29
N LEU A 12 -9.53 11.86 0.86
CA LEU A 12 -10.67 12.41 0.13
C LEU A 12 -10.37 13.89 -0.15
N GLU A 13 -9.72 14.53 0.81
CA GLU A 13 -9.36 15.94 0.68
C GLU A 13 -8.44 16.13 -0.52
N HIS A 14 -7.57 15.16 -0.78
CA HIS A 14 -6.63 15.24 -1.90
C HIS A 14 -7.11 14.65 -3.22
N GLY A 15 -8.41 14.34 -3.30
CA GLY A 15 -8.96 13.80 -4.53
C GLY A 15 -8.91 12.31 -4.75
N PHE A 16 -8.47 11.55 -3.74
CA PHE A 16 -8.40 10.11 -3.86
C PHE A 16 -9.68 9.43 -3.41
N ASN A 17 -10.00 8.30 -4.05
CA ASN A 17 -11.19 7.53 -3.67
C ASN A 17 -10.78 6.53 -2.59
N ILE A 18 -11.68 6.29 -1.63
CA ILE A 18 -11.40 5.33 -0.56
C ILE A 18 -12.54 4.32 -0.49
N ILE A 19 -12.28 3.15 0.09
CA ILE A 19 -13.29 2.11 0.21
C ILE A 19 -13.32 1.52 1.63
N PRO A 20 -14.51 1.36 2.22
CA PRO A 20 -14.66 0.79 3.57
C PRO A 20 -14.28 -0.69 3.61
N ILE A 21 -13.80 -1.17 4.75
CA ILE A 21 -13.34 -2.56 4.90
C ILE A 21 -13.26 -3.06 6.36
N ASP A 22 -13.00 -4.37 6.50
CA ASP A 22 -12.69 -5.05 7.77
C ASP A 22 -13.58 -5.57 8.90
N PRO A 23 -14.85 -5.17 9.00
CA PRO A 23 -15.54 -5.77 10.13
C PRO A 23 -15.45 -7.29 10.23
N GLU A 24 -16.49 -7.95 9.69
CA GLU A 24 -16.58 -9.40 9.71
C GLU A 24 -15.66 -10.10 8.69
N SER A 25 -15.72 -9.66 7.43
CA SER A 25 -14.95 -10.29 6.37
C SER A 25 -13.48 -9.90 6.15
N LYS A 26 -13.17 -8.61 6.24
CA LYS A 26 -11.82 -8.13 6.00
C LYS A 26 -11.63 -7.97 4.48
N LYS A 27 -12.67 -7.42 3.85
CA LYS A 27 -12.72 -7.18 2.39
C LYS A 27 -13.61 -5.97 2.15
N PRO A 28 -13.52 -5.33 0.98
CA PRO A 28 -14.37 -4.16 0.73
C PRO A 28 -15.85 -4.39 0.98
N VAL A 29 -16.57 -3.30 1.30
CA VAL A 29 -17.99 -3.39 1.56
C VAL A 29 -18.72 -3.69 0.26
N LEU A 30 -18.31 -3.01 -0.82
CA LEU A 30 -18.92 -3.22 -2.13
C LEU A 30 -18.23 -4.41 -2.81
N LYS A 31 -18.98 -5.13 -3.63
CA LYS A 31 -18.42 -6.28 -4.34
C LYS A 31 -17.67 -5.77 -5.58
N GLU A 32 -18.17 -4.67 -6.14
CA GLU A 32 -17.59 -4.05 -7.31
C GLU A 32 -16.77 -2.82 -6.94
N TRP A 33 -15.83 -2.98 -6.01
CA TRP A 33 -15.00 -1.87 -5.55
C TRP A 33 -13.92 -1.51 -6.58
N GLN A 34 -13.47 -2.52 -7.33
CA GLN A 34 -12.43 -2.34 -8.35
C GLN A 34 -12.69 -1.17 -9.28
N LYS A 35 -13.96 -0.79 -9.42
CA LYS A 35 -14.31 0.31 -10.30
C LYS A 35 -13.81 1.64 -9.75
N TYR A 36 -13.57 1.70 -8.45
CA TYR A 36 -13.10 2.93 -7.84
C TYR A 36 -11.65 3.27 -8.13
N SER A 37 -11.02 2.45 -8.97
CA SER A 37 -9.65 2.70 -9.38
C SER A 37 -9.78 3.53 -10.65
N HIS A 38 -10.97 3.46 -11.24
CA HIS A 38 -11.24 4.15 -12.50
C HIS A 38 -12.27 5.30 -12.45
N GLU A 39 -13.05 5.38 -11.37
CA GLU A 39 -14.07 6.43 -11.27
C GLU A 39 -14.39 6.86 -9.84
N MET A 40 -15.03 8.03 -9.71
CA MET A 40 -15.44 8.57 -8.41
C MET A 40 -16.72 7.86 -7.95
N PRO A 41 -16.90 7.72 -6.63
CA PRO A 41 -18.06 7.06 -6.02
C PRO A 41 -19.43 7.77 -6.00
N SER A 42 -19.44 9.08 -6.22
CA SER A 42 -20.68 9.88 -6.20
C SER A 42 -20.93 10.32 -4.76
N ASP A 43 -21.25 11.59 -4.59
CA ASP A 43 -21.50 12.17 -3.28
C ASP A 43 -22.35 11.30 -2.36
N GLU A 44 -23.49 10.84 -2.88
CA GLU A 44 -24.41 10.02 -2.10
C GLU A 44 -23.90 8.60 -1.83
N GLU A 45 -22.58 8.46 -1.82
CA GLU A 45 -21.93 7.20 -1.54
C GLU A 45 -20.71 7.57 -0.71
N LYS A 46 -20.06 8.65 -1.10
CA LYS A 46 -18.89 9.12 -0.38
C LYS A 46 -19.23 9.26 1.09
N GLN A 47 -20.28 10.03 1.37
CA GLN A 47 -20.70 10.25 2.75
C GLN A 47 -21.10 8.95 3.43
N ARG A 48 -21.73 8.05 2.68
CA ARG A 48 -22.13 6.77 3.26
C ARG A 48 -20.86 6.06 3.73
N PHE A 49 -19.83 6.11 2.88
CA PHE A 49 -18.54 5.49 3.19
C PHE A 49 -17.90 6.07 4.46
N LEU A 50 -17.93 7.40 4.60
CA LEU A 50 -17.35 8.04 5.78
C LEU A 50 -18.02 7.58 7.05
N LYS A 51 -19.36 7.60 7.05
CA LYS A 51 -20.11 7.18 8.22
C LYS A 51 -19.67 5.78 8.65
N MET A 52 -19.48 4.91 7.68
CA MET A 52 -19.05 3.54 7.97
C MET A 52 -17.68 3.57 8.63
N ILE A 53 -16.80 4.44 8.12
CA ILE A 53 -15.45 4.55 8.65
C ILE A 53 -15.46 5.20 10.03
N GLU A 54 -16.25 6.27 10.17
CA GLU A 54 -16.36 6.98 11.45
C GLU A 54 -16.92 6.06 12.52
N GLU A 55 -17.48 4.93 12.10
CA GLU A 55 -18.08 3.98 13.02
C GLU A 55 -17.37 2.64 13.22
N GLY A 56 -16.08 2.57 12.90
CA GLY A 56 -15.37 1.32 13.10
C GLY A 56 -14.87 0.56 11.88
N TYR A 57 -15.24 1.00 10.70
CA TYR A 57 -14.81 0.35 9.48
C TYR A 57 -13.42 0.83 9.08
N ASN A 58 -12.55 -0.09 8.69
CA ASN A 58 -11.23 0.31 8.23
C ASN A 58 -11.51 0.82 6.83
N TYR A 59 -10.48 1.26 6.12
CA TYR A 59 -10.69 1.73 4.76
C TYR A 59 -9.46 1.42 3.93
N ALA A 60 -9.65 1.38 2.62
CA ALA A 60 -8.55 1.09 1.73
C ALA A 60 -8.47 2.10 0.61
N ILE A 61 -7.30 2.14 -0.01
CA ILE A 61 -7.06 3.06 -1.10
C ILE A 61 -6.74 2.25 -2.33
N PRO A 62 -7.61 2.32 -3.35
CA PRO A 62 -7.44 1.59 -4.62
C PRO A 62 -6.28 2.19 -5.38
N GLY A 63 -5.53 1.36 -6.09
CA GLY A 63 -4.42 1.86 -6.88
C GLY A 63 -4.91 2.33 -8.23
N GLY A 64 -3.99 2.68 -9.11
CA GLY A 64 -4.35 3.13 -10.45
C GLY A 64 -4.85 4.56 -10.55
N GLN A 65 -5.83 4.91 -9.73
CA GLN A 65 -6.40 6.25 -9.72
C GLN A 65 -5.34 7.34 -9.59
N LYS A 66 -5.42 8.35 -10.46
CA LYS A 66 -4.48 9.47 -10.47
C LYS A 66 -3.03 9.06 -10.68
N GLY A 67 -2.81 7.87 -11.21
CA GLY A 67 -1.46 7.39 -11.45
C GLY A 67 -0.84 6.77 -10.21
N LEU A 68 -1.67 6.49 -9.22
CA LEU A 68 -1.20 5.93 -7.97
C LEU A 68 -0.85 4.45 -8.02
N VAL A 69 0.31 4.12 -7.44
CA VAL A 69 0.73 2.74 -7.31
C VAL A 69 1.32 2.68 -5.91
N ILE A 70 1.12 1.56 -5.24
CA ILE A 70 1.68 1.42 -3.91
C ILE A 70 2.62 0.21 -3.91
N LEU A 71 3.87 0.44 -3.53
CA LEU A 71 4.83 -0.64 -3.44
C LEU A 71 4.67 -1.17 -2.02
N ASP A 72 4.16 -2.38 -1.91
CA ASP A 72 3.90 -3.02 -0.62
C ASP A 72 4.99 -4.04 -0.27
N PHE A 73 5.99 -3.58 0.49
CA PHE A 73 7.10 -4.44 0.90
C PHE A 73 6.75 -5.22 2.15
N GLU A 74 6.97 -6.53 2.11
CA GLU A 74 6.68 -7.39 3.23
C GLU A 74 7.46 -7.00 4.49
N SER A 75 8.71 -6.57 4.32
CA SER A 75 9.56 -6.21 5.46
C SER A 75 10.29 -4.90 5.30
N LYS A 76 10.15 -4.03 6.28
CA LYS A 76 10.81 -2.73 6.25
C LYS A 76 12.30 -2.90 6.47
N GLU A 77 12.69 -3.93 7.24
CA GLU A 77 14.09 -4.19 7.51
C GLU A 77 14.81 -4.72 6.26
N LYS A 78 14.12 -5.57 5.52
CA LYS A 78 14.66 -6.15 4.30
C LYS A 78 14.93 -5.07 3.25
N LEU A 79 14.00 -4.11 3.15
CA LEU A 79 14.15 -3.02 2.19
C LEU A 79 15.29 -2.11 2.63
N LYS A 80 15.50 -2.02 3.94
CA LYS A 80 16.55 -1.19 4.49
C LYS A 80 17.90 -1.74 4.05
N ALA A 81 18.05 -3.06 4.16
CA ALA A 81 19.30 -3.73 3.78
C ALA A 81 19.42 -3.76 2.26
N TRP A 82 18.28 -3.80 1.60
CA TRP A 82 18.19 -3.85 0.14
C TRP A 82 18.73 -2.60 -0.54
N ILE A 83 18.29 -1.42 -0.10
CA ILE A 83 18.73 -0.17 -0.71
C ILE A 83 19.50 0.78 0.20
N GLY A 84 19.79 0.35 1.42
CA GLY A 84 20.52 1.21 2.34
C GLY A 84 19.66 2.29 2.97
N GLU A 85 20.01 2.72 4.17
CA GLU A 85 19.25 3.74 4.90
C GLU A 85 19.05 5.08 4.20
N SER A 86 20.13 5.63 3.65
CA SER A 86 20.04 6.93 2.98
C SER A 86 19.04 6.90 1.81
N ALA A 87 19.12 5.84 1.00
CA ALA A 87 18.21 5.70 -0.13
C ALA A 87 16.77 5.67 0.37
N LEU A 88 16.52 4.79 1.33
CA LEU A 88 15.19 4.64 1.93
C LEU A 88 14.71 5.96 2.50
N GLU A 89 15.56 6.60 3.31
CA GLU A 89 15.19 7.87 3.92
C GLU A 89 14.93 8.94 2.89
N GLU A 90 15.55 8.79 1.71
CA GLU A 90 15.39 9.76 0.63
C GLU A 90 14.02 9.56 0.00
N LEU A 91 13.73 8.29 -0.26
CA LEU A 91 12.49 7.89 -0.87
C LEU A 91 11.32 8.30 0.00
N CYS A 92 11.39 7.94 1.28
CA CYS A 92 10.32 8.26 2.20
C CYS A 92 10.39 9.66 2.74
N ARG A 93 11.21 10.48 2.09
CA ARG A 93 11.35 11.88 2.47
C ARG A 93 10.53 12.66 1.46
N LYS A 94 10.56 12.24 0.20
CA LYS A 94 9.83 12.93 -0.86
C LYS A 94 8.39 12.46 -1.04
N THR A 95 8.04 11.30 -0.49
CA THR A 95 6.68 10.80 -0.65
C THR A 95 6.15 10.06 0.57
N LEU A 96 4.82 9.95 0.63
CA LEU A 96 4.16 9.26 1.73
C LEU A 96 4.48 7.77 1.82
N CYS A 97 4.95 7.36 3.00
CA CYS A 97 5.26 5.97 3.28
C CYS A 97 4.57 5.66 4.60
N THR A 98 4.14 4.42 4.78
CA THR A 98 3.47 4.03 6.00
C THR A 98 3.94 2.66 6.46
N ASN A 99 3.82 2.42 7.76
CA ASN A 99 4.17 1.14 8.40
C ASN A 99 2.92 0.27 8.33
N THR A 100 3.09 -1.02 8.01
CA THR A 100 1.95 -1.93 7.95
C THR A 100 1.84 -2.55 9.34
N VAL A 101 0.76 -3.30 9.60
CA VAL A 101 0.56 -3.88 10.92
C VAL A 101 1.35 -5.16 11.15
N HIS A 102 2.12 -5.59 10.14
CA HIS A 102 2.92 -6.80 10.24
C HIS A 102 4.40 -6.59 9.97
N GLY A 103 4.88 -5.37 10.18
CA GLY A 103 6.29 -5.05 9.98
C GLY A 103 6.72 -4.65 8.58
N GLY A 104 5.77 -4.45 7.67
CA GLY A 104 6.12 -4.07 6.32
C GLY A 104 6.08 -2.56 6.10
N ILE A 105 6.19 -2.15 4.84
CA ILE A 105 6.14 -0.74 4.53
C ILE A 105 5.53 -0.50 3.16
N HIS A 106 4.68 0.51 3.10
CA HIS A 106 3.99 0.89 1.88
C HIS A 106 4.59 2.19 1.39
N ILE A 107 5.01 2.22 0.13
CA ILE A 107 5.56 3.43 -0.44
C ILE A 107 4.59 3.87 -1.52
N TYR A 108 3.92 5.01 -1.28
CA TYR A 108 2.95 5.54 -2.22
C TYR A 108 3.65 6.49 -3.17
N VAL A 109 3.33 6.40 -4.46
CA VAL A 109 3.90 7.29 -5.47
C VAL A 109 2.94 7.42 -6.64
N LEU A 110 3.11 8.47 -7.42
CA LEU A 110 2.30 8.70 -8.60
C LEU A 110 3.23 8.57 -9.80
N SER A 111 2.70 8.14 -10.94
CA SER A 111 3.53 7.97 -12.13
C SER A 111 2.69 8.07 -13.39
N ASN A 112 3.25 8.69 -14.42
CA ASN A 112 2.56 8.83 -15.70
C ASN A 112 2.49 7.49 -16.42
N ASP A 113 3.43 6.61 -16.11
CA ASP A 113 3.44 5.30 -16.74
C ASP A 113 3.43 4.18 -15.69
N ILE A 114 2.23 3.64 -15.44
CA ILE A 114 2.05 2.56 -14.45
C ILE A 114 1.40 1.32 -15.06
N PRO A 115 1.55 0.14 -14.41
CA PRO A 115 0.96 -1.09 -14.92
C PRO A 115 -0.55 -0.99 -14.94
N PRO A 116 -1.22 -1.71 -15.85
CA PRO A 116 -2.68 -1.68 -15.95
C PRO A 116 -3.31 -2.56 -14.87
N HIS A 117 -2.45 -3.33 -14.19
CA HIS A 117 -2.90 -4.24 -13.14
C HIS A 117 -1.81 -4.33 -12.07
N LYS A 118 -2.16 -4.95 -10.94
CA LYS A 118 -1.20 -5.14 -9.87
C LYS A 118 -0.18 -6.17 -10.34
N ILE A 119 1.04 -6.11 -9.81
CA ILE A 119 2.06 -7.06 -10.16
C ILE A 119 2.48 -7.73 -8.86
N ASN A 120 2.02 -8.95 -8.64
CA ASN A 120 2.32 -9.69 -7.41
C ASN A 120 2.99 -11.02 -7.73
N PRO A 121 4.29 -11.16 -7.42
CA PRO A 121 5.14 -10.15 -6.80
C PRO A 121 5.88 -9.28 -7.82
N LEU A 122 6.45 -8.18 -7.36
CA LEU A 122 7.22 -7.29 -8.21
C LEU A 122 8.66 -7.77 -8.25
N PHE A 123 9.22 -8.03 -7.07
CA PHE A 123 10.60 -8.55 -6.95
C PHE A 123 10.55 -9.85 -6.18
N GLU A 124 11.51 -10.72 -6.42
CA GLU A 124 11.56 -12.00 -5.73
C GLU A 124 12.94 -12.24 -5.13
N GLU A 125 12.97 -13.03 -4.06
CA GLU A 125 14.22 -13.37 -3.39
C GLU A 125 14.19 -14.83 -3.00
N ASN A 126 15.13 -15.59 -3.54
CA ASN A 126 15.22 -17.02 -3.27
C ASN A 126 13.86 -17.68 -3.53
N GLY A 127 13.27 -17.40 -4.69
CA GLY A 127 12.01 -18.00 -5.07
C GLY A 127 10.74 -17.48 -4.41
N LYS A 128 10.83 -16.41 -3.62
CA LYS A 128 9.64 -15.88 -2.96
C LYS A 128 9.49 -14.38 -3.16
N GLY A 129 8.24 -13.93 -3.23
CA GLY A 129 7.96 -12.52 -3.41
C GLY A 129 8.18 -11.75 -2.12
N ILE A 130 8.81 -10.60 -2.20
CA ILE A 130 9.07 -9.79 -1.01
C ILE A 130 8.44 -8.41 -1.13
N ILE A 131 7.72 -8.16 -2.22
CA ILE A 131 7.06 -6.88 -2.42
C ILE A 131 6.07 -6.95 -3.58
N ASP A 132 4.86 -6.44 -3.34
CA ASP A 132 3.81 -6.42 -4.36
C ASP A 132 3.57 -4.99 -4.84
N LEU A 133 3.38 -4.82 -6.14
CA LEU A 133 3.09 -3.49 -6.68
C LEU A 133 1.58 -3.45 -6.88
N GLN A 134 0.90 -2.62 -6.09
CA GLN A 134 -0.55 -2.46 -6.16
C GLN A 134 -0.91 -1.31 -7.10
N SER A 135 -1.71 -1.59 -8.12
CA SER A 135 -2.14 -0.57 -9.08
C SER A 135 -3.62 -0.73 -9.31
N TYR A 136 -4.09 -0.52 -10.54
CA TYR A 136 -5.51 -0.67 -10.85
C TYR A 136 -6.05 -2.00 -10.34
N ASN A 137 -7.27 -1.98 -9.84
CA ASN A 137 -7.95 -3.18 -9.36
C ASN A 137 -7.27 -3.88 -8.18
N SER A 138 -6.60 -3.09 -7.35
CA SER A 138 -5.93 -3.59 -6.15
C SER A 138 -5.94 -2.44 -5.16
N TYR A 139 -5.67 -2.74 -3.89
CA TYR A 139 -5.65 -1.69 -2.88
C TYR A 139 -4.71 -2.02 -1.73
N VAL A 140 -4.57 -1.05 -0.82
CA VAL A 140 -3.78 -1.21 0.39
C VAL A 140 -4.63 -0.59 1.49
N LEU A 141 -4.57 -1.13 2.70
CA LEU A 141 -5.35 -0.55 3.78
C LEU A 141 -4.79 0.83 4.08
N GLY A 142 -5.66 1.73 4.54
CA GLY A 142 -5.21 3.08 4.80
C GLY A 142 -4.79 3.40 6.21
N LEU A 143 -4.00 4.47 6.32
CA LEU A 143 -3.49 4.98 7.58
C LEU A 143 -4.62 5.04 8.60
N GLY A 144 -4.35 4.54 9.81
CA GLY A 144 -5.37 4.55 10.84
C GLY A 144 -6.16 3.26 10.96
N SER A 145 -6.18 2.45 9.89
CA SER A 145 -6.88 1.18 9.95
C SER A 145 -6.13 0.32 10.96
N CYS A 146 -6.86 -0.45 11.75
CA CYS A 146 -6.23 -1.30 12.76
C CYS A 146 -6.67 -2.74 12.58
N VAL A 147 -5.82 -3.64 13.03
CA VAL A 147 -6.06 -5.07 12.93
C VAL A 147 -5.83 -5.72 14.28
N ASN A 148 -6.75 -6.61 14.69
CA ASN A 148 -6.58 -7.31 15.96
C ASN A 148 -5.92 -8.63 15.55
N HIS A 149 -4.67 -8.80 15.97
CA HIS A 149 -3.92 -9.98 15.60
C HIS A 149 -4.41 -11.25 16.26
N LEU A 150 -5.37 -11.11 17.16
CA LEU A 150 -5.93 -12.26 17.85
C LEU A 150 -6.50 -13.21 16.81
N HIS A 151 -6.96 -12.64 15.70
CA HIS A 151 -7.56 -13.44 14.64
C HIS A 151 -6.58 -13.84 13.54
N CYS A 152 -5.31 -13.46 13.67
CA CYS A 152 -4.31 -13.86 12.70
C CYS A 152 -3.83 -15.20 13.21
N THR A 153 -4.08 -16.26 12.45
CA THR A 153 -3.67 -17.58 12.90
C THR A 153 -2.56 -18.18 12.03
N THR A 154 -1.76 -17.33 11.40
CA THR A 154 -0.65 -17.79 10.57
C THR A 154 0.67 -17.21 11.06
N ASP A 155 1.78 -17.68 10.49
CA ASP A 155 3.09 -17.17 10.88
C ASP A 155 3.44 -15.90 10.11
N LYS A 156 2.55 -15.50 9.22
CA LYS A 156 2.76 -14.26 8.46
C LYS A 156 2.55 -13.13 9.46
N CYS A 157 1.98 -13.47 10.61
CA CYS A 157 1.74 -12.49 11.65
C CYS A 157 2.71 -12.73 12.80
N PRO A 158 3.51 -11.73 13.13
CA PRO A 158 4.48 -11.82 14.22
C PRO A 158 3.79 -11.90 15.57
N TRP A 159 2.54 -11.44 15.62
CA TRP A 159 1.76 -11.42 16.86
C TRP A 159 0.65 -12.47 16.83
N LYS A 160 0.88 -13.53 16.08
CA LYS A 160 -0.06 -14.64 15.90
C LYS A 160 -0.91 -15.01 17.12
N GLU A 161 -2.22 -14.79 17.00
CA GLU A 161 -3.18 -15.09 18.05
C GLU A 161 -3.05 -14.36 19.39
N GLN A 162 -2.28 -13.28 19.43
CA GLN A 162 -2.15 -12.51 20.66
C GLN A 162 -3.31 -11.49 20.72
N ASN A 163 -3.78 -11.11 21.91
CA ASN A 163 -4.85 -10.12 22.00
C ASN A 163 -4.09 -8.81 21.95
N TYR A 164 -3.81 -8.37 20.74
CA TYR A 164 -3.01 -7.18 20.52
C TYR A 164 -3.46 -6.55 19.20
N THR A 165 -3.69 -5.24 19.21
CA THR A 165 -4.12 -4.53 18.01
C THR A 165 -3.10 -3.47 17.61
N THR A 166 -2.68 -3.48 16.34
CA THR A 166 -1.75 -2.46 15.82
C THR A 166 -2.43 -1.83 14.60
N CYS A 167 -1.91 -0.71 14.15
CA CYS A 167 -2.53 -0.04 13.02
C CYS A 167 -1.53 0.42 11.97
N TYR A 168 -2.05 0.84 10.82
CA TYR A 168 -1.19 1.33 9.76
C TYR A 168 -0.85 2.74 10.24
N THR A 169 0.45 3.01 10.35
CA THR A 169 0.92 4.29 10.85
C THR A 169 1.90 4.97 9.91
N LEU A 170 2.12 6.24 10.16
CA LEU A 170 3.06 7.04 9.36
C LEU A 170 4.47 6.49 9.55
N TYR A 171 5.24 6.39 8.46
CA TYR A 171 6.61 5.92 8.57
C TYR A 171 7.37 7.04 9.30
N ASN A 172 7.14 8.27 8.86
CA ASN A 172 7.75 9.42 9.50
C ASN A 172 6.71 10.54 9.66
N GLU A 173 6.48 11.32 8.61
CA GLU A 173 5.51 12.41 8.68
C GLU A 173 4.49 12.32 7.56
N LEU A 174 3.36 12.99 7.75
CA LEU A 174 2.33 13.03 6.72
C LEU A 174 2.84 13.99 5.64
N LYS A 175 2.75 13.57 4.38
CA LYS A 175 3.21 14.38 3.25
C LYS A 175 2.35 13.97 2.08
N GLU A 176 2.33 14.78 1.02
CA GLU A 176 1.55 14.41 -0.15
C GLU A 176 2.26 13.32 -0.92
N ILE A 177 1.48 12.52 -1.63
CA ILE A 177 2.00 11.45 -2.45
C ILE A 177 2.58 12.13 -3.68
N SER A 178 3.89 11.99 -3.90
CA SER A 178 4.54 12.66 -5.04
C SER A 178 4.83 11.78 -6.25
N LYS A 179 5.10 12.42 -7.38
CA LYS A 179 5.38 11.71 -8.62
C LYS A 179 6.82 11.22 -8.76
N VAL A 180 6.97 10.08 -9.41
CA VAL A 180 8.29 9.51 -9.65
C VAL A 180 8.25 8.83 -11.00
N ASP A 181 9.43 8.42 -11.46
CA ASP A 181 9.53 7.71 -12.71
C ASP A 181 9.57 6.28 -12.21
N LEU A 182 8.40 5.66 -12.17
CA LEU A 182 8.30 4.31 -11.67
C LEU A 182 9.35 3.40 -12.24
N LYS A 183 9.55 3.47 -13.55
CA LYS A 183 10.54 2.63 -14.20
C LYS A 183 11.95 2.94 -13.72
N SER A 184 12.27 4.21 -13.50
CA SER A 184 13.59 4.59 -13.01
C SER A 184 13.76 3.96 -11.63
N LEU A 185 12.70 4.04 -10.82
CA LEU A 185 12.73 3.48 -9.48
C LEU A 185 12.89 1.96 -9.50
N LEU A 186 12.12 1.28 -10.35
CA LEU A 186 12.24 -0.16 -10.42
C LEU A 186 13.64 -0.57 -10.86
N ARG A 187 14.30 0.29 -11.64
CA ARG A 187 15.66 -0.01 -12.08
C ARG A 187 16.61 0.25 -10.94
N PHE A 188 16.38 1.33 -10.19
CA PHE A 188 17.24 1.65 -9.05
C PHE A 188 17.15 0.51 -8.06
N LEU A 189 15.95 -0.04 -7.90
CA LEU A 189 15.74 -1.15 -7.00
C LEU A 189 16.45 -2.39 -7.54
N ALA A 190 16.36 -2.59 -8.85
CA ALA A 190 17.01 -3.73 -9.49
C ALA A 190 18.50 -3.81 -9.15
N GLU A 191 19.24 -2.78 -9.57
CA GLU A 191 20.68 -2.72 -9.32
C GLU A 191 20.99 -2.86 -7.85
N LYS A 192 20.44 -1.95 -7.05
CA LYS A 192 20.64 -1.96 -5.61
C LYS A 192 20.44 -3.35 -5.02
N GLY A 193 19.53 -4.12 -5.60
CA GLY A 193 19.25 -5.44 -5.08
C GLY A 193 19.91 -6.63 -5.73
N LYS A 194 20.52 -6.43 -6.88
CA LYS A 194 21.16 -7.55 -7.56
C LYS A 194 22.21 -8.25 -6.70
N ARG A 195 22.90 -7.47 -5.88
CA ARG A 195 23.94 -8.00 -5.00
C ARG A 195 23.36 -8.90 -3.90
N LEU A 196 22.14 -8.63 -3.47
CA LEU A 196 21.50 -9.42 -2.43
C LEU A 196 20.71 -10.60 -3.00
N GLY A 197 20.67 -10.72 -4.32
CA GLY A 197 19.95 -11.82 -4.93
C GLY A 197 18.46 -11.53 -5.05
N ILE A 198 18.13 -10.24 -5.06
CA ILE A 198 16.74 -9.80 -5.18
C ILE A 198 16.53 -9.35 -6.62
N THR A 199 15.68 -10.06 -7.34
CA THR A 199 15.42 -9.78 -8.74
C THR A 199 13.97 -9.53 -9.14
N LEU A 200 13.80 -8.81 -10.25
CA LEU A 200 12.48 -8.50 -10.81
C LEU A 200 11.78 -9.81 -11.13
N SER A 201 10.47 -9.86 -10.91
CA SER A 201 9.71 -11.07 -11.23
C SER A 201 9.59 -11.04 -12.75
N LYS A 202 9.25 -12.16 -13.37
CA LYS A 202 9.13 -12.18 -14.83
C LYS A 202 8.08 -11.18 -15.30
N THR A 203 6.97 -11.09 -14.57
CA THR A 203 5.89 -10.17 -14.92
C THR A 203 6.34 -8.72 -14.78
N ALA A 204 7.22 -8.48 -13.82
CA ALA A 204 7.73 -7.15 -13.57
C ALA A 204 8.77 -6.76 -14.62
N LYS A 205 9.63 -7.70 -14.97
CA LYS A 205 10.67 -7.44 -15.98
C LYS A 205 10.05 -7.22 -17.35
N GLU A 206 8.97 -7.93 -17.64
CA GLU A 206 8.31 -7.78 -18.92
C GLU A 206 7.60 -6.43 -19.03
N TRP A 207 7.10 -5.93 -17.92
CA TRP A 207 6.43 -4.63 -17.95
C TRP A 207 7.49 -3.54 -18.02
N LEU A 208 8.60 -3.75 -17.33
CA LEU A 208 9.69 -2.78 -17.31
C LEU A 208 10.40 -2.77 -18.66
N GLU A 209 11.08 -3.87 -18.98
CA GLU A 209 11.80 -3.99 -20.25
C GLU A 209 10.87 -3.71 -21.42
N GLY A 210 9.58 -3.92 -21.22
CA GLY A 210 8.61 -3.70 -22.28
C GLY A 210 8.60 -4.87 -23.25
#